data_5JUD
#
_entry.id   5JUD
#
_cell.length_a   100.240
_cell.length_b   100.240
_cell.length_c   125.620
_cell.angle_alpha   90.00
_cell.angle_beta   90.00
_cell.angle_gamma   90.00
#
_symmetry.space_group_name_H-M   'I 41'
#
loop_
_entity.id
_entity.type
_entity.pdbx_description
1 polymer 'Glucosyl-3-phosphoglycerate synthase'
2 non-polymer "URIDINE-5'-DIPHOSPHATE"
3 water water
#
_entity_poly.entity_id   1
_entity_poly.type   'polypeptide(L)'
_entity_poly.pdbx_seq_one_letter_code
;GSGAMTASELVAGDLAGGRAPGALPLDTTWHRPGWTIGELEAAKAGRTISVVLPALNEEATIESVIDSISPLVDGLVDEL
IVLDSGSTDDTEIRAIASGARVVSREQALPEVPVRPGKGEALWRSLAATSGDIVVFIDSDLINPHPLFVPWLVGPLLTGE
GIQLVKSFYRRPLQVSDVTSGVCATGGGRVTELVARPLLAALRPELGCVLQPLSGEYAASRELLTSLPFAPGYGVEIGLL
IDTFDRLGLDAIAQVNLGVRAHRNRPLDELGAMSRQVIATLLSRCGIPDSGVGLTQFLPGGPDDSDYTRHTWPVSLVDRP
PMKVMRPR
;
_entity_poly.pdbx_strand_id   A
#
loop_
_chem_comp.id
_chem_comp.type
_chem_comp.name
_chem_comp.formula
UDP RNA linking URIDINE-5'-DIPHOSPHATE 'C9 H14 N2 O12 P2'
#
# COMPACT_ATOMS: atom_id res chain seq x y z
N PRO A 25 -19.42 8.27 -9.96
CA PRO A 25 -18.82 7.10 -10.59
C PRO A 25 -18.05 6.25 -9.59
N LEU A 26 -17.06 6.86 -8.95
CA LEU A 26 -16.26 6.21 -7.91
C LEU A 26 -16.65 6.83 -6.57
N ASP A 27 -17.17 6.00 -5.68
CA ASP A 27 -17.51 6.43 -4.32
C ASP A 27 -16.34 7.15 -3.65
N THR A 28 -16.47 8.47 -3.51
CA THR A 28 -15.41 9.30 -2.94
C THR A 28 -15.94 10.05 -1.72
N THR A 29 -15.29 9.83 -0.57
CA THR A 29 -15.63 10.57 0.65
C THR A 29 -14.70 11.78 0.78
N TRP A 30 -15.26 12.95 0.48
CA TRP A 30 -14.49 14.20 0.42
C TRP A 30 -14.19 14.86 1.77
N HIS A 31 -15.04 14.63 2.76
CA HIS A 31 -14.86 15.25 4.06
C HIS A 31 -14.70 14.20 5.15
N ARG A 32 -14.44 14.66 6.38
CA ARG A 32 -14.28 13.77 7.52
C ARG A 32 -15.45 12.79 7.66
N PRO A 33 -15.18 11.48 7.60
CA PRO A 33 -16.24 10.51 7.84
C PRO A 33 -16.89 10.71 9.22
N GLY A 34 -18.16 10.38 9.37
CA GLY A 34 -18.88 10.74 10.57
C GLY A 34 -19.03 9.56 11.52
N TRP A 35 -18.68 8.37 11.02
CA TRP A 35 -18.78 7.16 11.83
C TRP A 35 -17.88 7.25 13.06
N THR A 36 -18.39 6.84 14.22
CA THR A 36 -17.56 6.79 15.41
C THR A 36 -16.93 5.40 15.46
N ILE A 37 -15.83 5.27 16.20
CA ILE A 37 -15.13 4.00 16.35
C ILE A 37 -16.03 2.90 16.87
N GLY A 38 -16.95 3.23 17.78
CA GLY A 38 -17.85 2.25 18.33
C GLY A 38 -18.88 1.75 17.33
N GLU A 39 -19.37 2.66 16.47
CA GLU A 39 -20.21 2.24 15.36
C GLU A 39 -19.43 1.30 14.46
N LEU A 40 -18.22 1.72 14.09
CA LEU A 40 -17.38 0.94 13.19
C LEU A 40 -17.07 -0.44 13.76
N GLU A 41 -16.73 -0.48 15.04
CA GLU A 41 -16.47 -1.74 15.73
C GLU A 41 -17.68 -2.65 15.70
N ALA A 42 -18.85 -2.07 15.97
CA ALA A 42 -20.12 -2.78 15.92
C ALA A 42 -20.39 -3.35 14.53
N ALA A 43 -20.06 -2.55 13.51
CA ALA A 43 -20.29 -2.92 12.11
C ALA A 43 -19.41 -4.08 11.64
N LYS A 44 -18.38 -4.41 12.41
CA LYS A 44 -17.49 -5.50 12.03
C LYS A 44 -18.29 -6.80 11.87
N ALA A 45 -19.17 -7.07 12.82
CA ALA A 45 -20.06 -8.23 12.74
C ALA A 45 -19.30 -9.54 12.54
N GLY A 46 -18.29 -9.76 13.35
CA GLY A 46 -17.49 -10.98 13.28
C GLY A 46 -16.31 -10.91 12.34
N ARG A 47 -16.33 -9.96 11.40
CA ARG A 47 -15.18 -9.74 10.54
C ARG A 47 -14.00 -9.25 11.38
N THR A 48 -12.79 -9.69 11.07
CA THR A 48 -11.58 -9.16 11.72
C THR A 48 -10.78 -8.20 10.84
N ILE A 49 -9.89 -7.44 11.50
CA ILE A 49 -9.09 -6.41 10.86
C ILE A 49 -7.61 -6.58 11.22
N SER A 50 -6.78 -6.75 10.21
CA SER A 50 -5.33 -6.70 10.38
C SER A 50 -4.74 -5.40 9.84
N VAL A 51 -3.71 -4.91 10.52
CA VAL A 51 -2.96 -3.75 10.03
C VAL A 51 -1.52 -4.17 9.77
N VAL A 52 -1.01 -3.78 8.61
CA VAL A 52 0.35 -4.09 8.22
C VAL A 52 1.12 -2.80 8.00
N LEU A 53 2.30 -2.71 8.61
CA LEU A 53 3.19 -1.61 8.34
C LEU A 53 4.42 -2.17 7.66
N PRO A 54 4.54 -1.95 6.35
CA PRO A 54 5.79 -2.41 5.75
C PRO A 54 6.87 -1.46 6.17
N ALA A 55 8.09 -1.93 6.41
CA ALA A 55 9.14 -1.04 6.88
C ALA A 55 10.50 -1.47 6.40
N LEU A 56 11.18 -0.52 5.78
CA LEU A 56 12.57 -0.69 5.41
C LEU A 56 13.34 0.54 5.88
N ASN A 57 14.13 0.37 6.94
CA ASN A 57 14.95 1.45 7.45
C ASN A 57 14.14 2.71 7.79
N GLU A 58 13.08 2.56 8.58
CA GLU A 58 12.25 3.70 9.00
C GLU A 58 12.34 3.98 10.50
N GLU A 59 13.55 3.95 11.04
CA GLU A 59 13.73 4.10 12.48
C GLU A 59 13.21 5.43 13.02
N ALA A 60 13.25 6.47 12.18
CA ALA A 60 12.84 7.81 12.62
C ALA A 60 11.34 7.99 12.77
N THR A 61 10.55 7.20 12.05
CA THR A 61 9.10 7.44 11.96
C THR A 61 8.23 6.27 12.40
N ILE A 62 8.82 5.08 12.44
CA ILE A 62 8.06 3.86 12.70
C ILE A 62 7.27 3.87 14.02
N GLU A 63 7.87 4.38 15.09
CA GLU A 63 7.21 4.37 16.40
C GLU A 63 5.99 5.29 16.44
N SER A 64 6.13 6.47 15.87
CA SER A 64 5.01 7.40 15.72
C SER A 64 3.84 6.76 14.96
N VAL A 65 4.15 5.99 13.92
CA VAL A 65 3.10 5.30 13.16
C VAL A 65 2.44 4.22 14.00
N ILE A 66 3.24 3.41 14.67
CA ILE A 66 2.69 2.35 15.52
C ILE A 66 1.82 2.95 16.61
N ASP A 67 2.32 3.99 17.27
CA ASP A 67 1.59 4.65 18.35
C ASP A 67 0.27 5.28 17.91
N SER A 68 0.19 5.71 16.65
CA SER A 68 -1.03 6.31 16.13
C SER A 68 -2.16 5.29 16.04
N ILE A 69 -1.79 4.01 16.04
CA ILE A 69 -2.73 2.92 15.74
C ILE A 69 -2.94 1.97 16.90
N SER A 70 -1.94 1.85 17.77
CA SER A 70 -2.00 0.82 18.81
C SER A 70 -3.16 1.01 19.80
N PRO A 71 -3.66 2.25 19.97
CA PRO A 71 -4.83 2.36 20.85
C PRO A 71 -6.07 1.62 20.31
N LEU A 72 -6.05 1.25 19.03
CA LEU A 72 -7.18 0.56 18.42
C LEU A 72 -7.11 -0.94 18.62
N VAL A 73 -5.94 -1.44 19.03
CA VAL A 73 -5.73 -2.88 19.08
C VAL A 73 -6.58 -3.50 20.17
N ASP A 74 -7.13 -4.68 19.88
CA ASP A 74 -8.07 -5.41 20.76
C ASP A 74 -9.45 -4.74 20.75
N GLY A 75 -9.59 -3.70 19.93
CA GLY A 75 -10.89 -3.07 19.70
C GLY A 75 -11.25 -3.17 18.24
N LEU A 76 -11.17 -2.05 17.53
CA LEU A 76 -11.44 -2.03 16.10
C LEU A 76 -10.43 -2.89 15.35
N VAL A 77 -9.16 -2.74 15.73
CA VAL A 77 -8.08 -3.49 15.11
C VAL A 77 -7.77 -4.74 15.93
N ASP A 78 -7.79 -5.90 15.27
CA ASP A 78 -7.56 -7.16 15.95
C ASP A 78 -6.08 -7.51 15.91
N GLU A 79 -5.35 -6.91 14.99
CA GLU A 79 -3.97 -7.32 14.72
C GLU A 79 -3.16 -6.22 14.05
N LEU A 80 -1.94 -6.03 14.54
CA LEU A 80 -0.98 -5.11 13.95
C LEU A 80 0.38 -5.80 13.83
N ILE A 81 0.97 -5.78 12.63
CA ILE A 81 2.34 -6.25 12.48
C ILE A 81 3.18 -5.22 11.74
N VAL A 82 4.48 -5.25 11.99
CA VAL A 82 5.44 -4.54 11.18
C VAL A 82 6.07 -5.57 10.27
N LEU A 83 5.97 -5.37 8.97
CA LEU A 83 6.66 -6.24 8.03
C LEU A 83 8.02 -5.65 7.71
N ASP A 84 9.05 -6.17 8.38
CA ASP A 84 10.38 -5.60 8.26
C ASP A 84 11.01 -6.16 6.99
N SER A 85 11.48 -5.29 6.11
CA SER A 85 11.86 -5.70 4.76
C SER A 85 13.38 -5.68 4.61
N GLY A 86 14.08 -6.12 5.65
CA GLY A 86 15.53 -6.12 5.62
C GLY A 86 16.21 -4.92 6.27
N SER A 87 15.59 -4.30 7.27
CA SER A 87 16.16 -3.07 7.82
C SER A 87 17.50 -3.37 8.48
N THR A 88 18.43 -2.43 8.36
CA THR A 88 19.72 -2.54 9.05
C THR A 88 19.91 -1.42 10.06
N ASP A 89 18.88 -0.59 10.25
CA ASP A 89 18.94 0.45 11.27
C ASP A 89 18.24 -0.08 12.52
N ASP A 90 17.69 0.80 13.34
CA ASP A 90 17.00 0.41 14.57
C ASP A 90 15.49 0.19 14.39
N THR A 91 15.03 -0.05 13.17
CA THR A 91 13.59 -0.15 12.92
C THR A 91 12.96 -1.23 13.80
N GLU A 92 13.59 -2.39 13.84
CA GLU A 92 12.98 -3.55 14.47
C GLU A 92 12.93 -3.41 15.99
N ILE A 93 14.04 -2.97 16.59
CA ILE A 93 14.09 -2.82 18.04
C ILE A 93 13.12 -1.73 18.52
N ARG A 94 13.03 -0.66 17.74
CA ARG A 94 12.10 0.43 18.05
C ARG A 94 10.65 0.02 17.88
N ALA A 95 10.35 -0.82 16.89
CA ALA A 95 8.98 -1.28 16.71
C ALA A 95 8.60 -2.18 17.88
N ILE A 96 9.52 -3.05 18.26
CA ILE A 96 9.30 -3.94 19.40
C ILE A 96 9.10 -3.14 20.69
N ALA A 97 9.83 -2.04 20.83
CA ALA A 97 9.74 -1.25 22.06
C ALA A 97 8.44 -0.45 22.09
N SER A 98 7.77 -0.36 20.94
CA SER A 98 6.44 0.23 20.85
C SER A 98 5.34 -0.83 20.92
N GLY A 99 5.71 -2.06 21.23
CA GLY A 99 4.72 -3.12 21.41
C GLY A 99 4.22 -3.78 20.13
N ALA A 100 4.85 -3.51 19.00
CA ALA A 100 4.40 -4.10 17.74
C ALA A 100 4.97 -5.50 17.56
N ARG A 101 4.16 -6.38 16.97
CA ARG A 101 4.68 -7.65 16.48
C ARG A 101 5.46 -7.38 15.20
N VAL A 102 6.74 -7.75 15.19
CA VAL A 102 7.58 -7.55 14.01
C VAL A 102 7.82 -8.86 13.28
N VAL A 103 7.56 -8.86 11.97
CA VAL A 103 7.72 -10.06 11.16
C VAL A 103 8.66 -9.78 10.00
N SER A 104 9.76 -10.54 9.91
CA SER A 104 10.66 -10.43 8.76
C SER A 104 10.01 -11.05 7.53
N ARG A 105 10.54 -10.75 6.34
CA ARG A 105 10.02 -11.37 5.11
C ARG A 105 10.20 -12.89 5.16
N GLU A 106 11.34 -13.33 5.70
CA GLU A 106 11.66 -14.75 5.82
C GLU A 106 10.69 -15.46 6.76
N GLN A 107 10.33 -14.80 7.86
CA GLN A 107 9.44 -15.40 8.85
C GLN A 107 8.02 -15.49 8.32
N ALA A 108 7.63 -14.48 7.54
CA ALA A 108 6.31 -14.45 6.91
C ALA A 108 6.04 -15.70 6.07
N LEU A 109 7.08 -16.21 5.43
CA LEU A 109 6.92 -17.33 4.50
C LEU A 109 8.26 -18.05 4.26
N PRO A 110 8.67 -18.90 5.22
CA PRO A 110 10.09 -19.29 5.25
C PRO A 110 10.50 -20.32 4.20
N GLU A 111 9.55 -21.04 3.61
CA GLU A 111 9.90 -22.03 2.59
C GLU A 111 10.30 -21.37 1.26
N VAL A 112 10.03 -20.07 1.13
CA VAL A 112 10.21 -19.37 -0.14
C VAL A 112 11.24 -18.24 -0.02
N PRO A 113 12.35 -18.33 -0.78
CA PRO A 113 13.38 -17.29 -0.71
C PRO A 113 12.85 -15.88 -0.99
N VAL A 114 13.47 -14.89 -0.34
CA VAL A 114 12.95 -13.53 -0.32
C VAL A 114 13.42 -12.79 -1.57
N ARG A 115 12.51 -12.08 -2.23
CA ARG A 115 12.89 -11.15 -3.28
C ARG A 115 12.89 -9.69 -2.79
N PRO A 116 13.68 -8.83 -3.44
CA PRO A 116 13.65 -7.42 -3.08
C PRO A 116 12.36 -6.73 -3.52
N GLY A 117 12.03 -5.65 -2.81
CA GLY A 117 11.04 -4.69 -3.26
C GLY A 117 9.81 -4.68 -2.37
N LYS A 118 9.00 -3.64 -2.52
CA LYS A 118 7.84 -3.44 -1.66
C LYS A 118 6.80 -4.52 -1.86
N GLY A 119 6.57 -4.88 -3.11
CA GLY A 119 5.51 -5.82 -3.45
C GLY A 119 5.70 -7.18 -2.80
N GLU A 120 6.95 -7.61 -2.68
CA GLU A 120 7.24 -8.88 -2.03
C GLU A 120 6.81 -8.82 -0.57
N ALA A 121 7.10 -7.69 0.07
CA ALA A 121 6.81 -7.50 1.49
C ALA A 121 5.31 -7.51 1.77
N LEU A 122 4.55 -6.78 0.95
CA LEU A 122 3.10 -6.72 1.12
C LEU A 122 2.46 -8.07 0.86
N TRP A 123 2.98 -8.78 -0.14
CA TRP A 123 2.43 -10.08 -0.50
C TRP A 123 2.66 -11.06 0.63
N ARG A 124 3.90 -11.11 1.11
CA ARG A 124 4.26 -11.94 2.26
C ARG A 124 3.45 -11.64 3.52
N SER A 125 3.14 -10.36 3.74
CA SER A 125 2.33 -9.95 4.89
C SER A 125 0.96 -10.62 4.95
N LEU A 126 0.44 -11.03 3.81
CA LEU A 126 -0.82 -11.79 3.77
C LEU A 126 -0.69 -13.14 4.49
N ALA A 127 0.48 -13.75 4.43
CA ALA A 127 0.71 -15.02 5.10
C ALA A 127 0.95 -14.84 6.60
N ALA A 128 1.16 -13.60 7.03
CA ALA A 128 1.50 -13.32 8.42
C ALA A 128 0.32 -12.67 9.15
N THR A 129 -0.81 -12.55 8.45
CA THR A 129 -2.01 -11.97 9.02
C THR A 129 -3.19 -12.91 8.77
N SER A 130 -4.31 -12.66 9.45
CA SER A 130 -5.50 -13.48 9.26
C SER A 130 -6.77 -12.65 9.29
N GLY A 131 -6.64 -11.33 9.32
CA GLY A 131 -7.82 -10.48 9.27
C GLY A 131 -8.62 -10.65 8.01
N ASP A 132 -9.94 -10.58 8.14
CA ASP A 132 -10.83 -10.55 6.98
C ASP A 132 -10.58 -9.28 6.19
N ILE A 133 -10.13 -8.26 6.90
CA ILE A 133 -9.77 -6.98 6.30
C ILE A 133 -8.31 -6.69 6.62
N VAL A 134 -7.59 -6.20 5.61
CA VAL A 134 -6.18 -5.86 5.78
C VAL A 134 -6.01 -4.40 5.45
N VAL A 135 -5.31 -3.69 6.34
CA VAL A 135 -5.01 -2.28 6.12
C VAL A 135 -3.51 -2.10 6.00
N PHE A 136 -3.09 -1.37 4.97
CA PHE A 136 -1.69 -1.05 4.80
C PHE A 136 -1.49 0.43 5.12
N ILE A 137 -0.46 0.72 5.91
CA ILE A 137 -0.06 2.08 6.22
C ILE A 137 1.45 2.19 6.09
N ASP A 138 1.93 3.15 5.32
CA ASP A 138 3.37 3.26 5.19
C ASP A 138 3.95 3.69 6.52
N SER A 139 5.17 3.21 6.76
CA SER A 139 5.88 3.39 8.02
C SER A 139 6.78 4.62 8.01
N ASP A 140 6.77 5.36 6.90
CA ASP A 140 7.55 6.59 6.78
C ASP A 140 6.78 7.87 7.04
N LEU A 141 5.56 7.78 7.56
CA LEU A 141 4.77 8.97 7.83
C LEU A 141 5.28 9.80 9.02
N ILE A 142 5.27 11.11 8.82
CA ILE A 142 5.60 12.09 9.85
C ILE A 142 4.28 12.52 10.51
N ASN A 143 4.16 12.24 11.80
CA ASN A 143 2.94 12.44 12.58
C ASN A 143 1.65 12.04 11.86
N PRO A 144 1.41 10.72 11.73
CA PRO A 144 0.19 10.29 11.04
C PRO A 144 -1.05 10.45 11.91
N HIS A 145 -2.20 10.73 11.31
CA HIS A 145 -3.43 10.86 12.09
C HIS A 145 -3.83 9.54 12.77
N PRO A 146 -4.31 9.59 14.02
CA PRO A 146 -4.73 8.33 14.63
C PRO A 146 -6.02 7.76 14.03
N LEU A 147 -6.71 8.54 13.20
CA LEU A 147 -7.91 8.06 12.51
C LEU A 147 -7.75 7.49 11.09
N PHE A 148 -6.53 7.45 10.58
CA PHE A 148 -6.28 6.82 9.28
C PHE A 148 -6.98 5.47 9.11
N VAL A 149 -6.75 4.55 10.05
CA VAL A 149 -7.31 3.20 9.95
C VAL A 149 -8.83 3.19 10.03
N PRO A 150 -9.44 3.90 10.99
CA PRO A 150 -10.90 4.01 10.99
C PRO A 150 -11.48 4.61 9.70
N TRP A 151 -10.85 5.65 9.18
CA TRP A 151 -11.30 6.26 7.93
C TRP A 151 -11.23 5.32 6.71
N LEU A 152 -10.18 4.52 6.65
CA LEU A 152 -10.02 3.56 5.56
C LEU A 152 -10.95 2.36 5.57
N VAL A 153 -11.31 1.87 6.75
CA VAL A 153 -12.13 0.65 6.84
C VAL A 153 -13.62 0.96 6.75
N GLY A 154 -13.96 2.23 6.90
CA GLY A 154 -15.35 2.66 6.90
C GLY A 154 -16.17 2.10 5.77
N PRO A 155 -15.75 2.36 4.52
CA PRO A 155 -16.52 1.87 3.37
C PRO A 155 -16.56 0.35 3.28
N LEU A 156 -15.54 -0.34 3.79
CA LEU A 156 -15.55 -1.79 3.73
C LEU A 156 -16.55 -2.34 4.74
N LEU A 157 -16.76 -1.59 5.82
CA LEU A 157 -17.55 -2.09 6.94
C LEU A 157 -19.00 -1.70 6.69
N THR A 158 -19.16 -0.49 6.16
CA THR A 158 -20.46 0.14 6.06
C THR A 158 -20.82 0.26 4.58
N GLY A 159 -21.58 -0.71 4.10
CA GLY A 159 -21.97 -0.76 2.71
C GLY A 159 -22.11 -2.20 2.28
N GLU A 160 -22.32 -2.39 0.99
CA GLU A 160 -22.13 -3.69 0.35
C GLU A 160 -21.26 -3.67 -0.92
N GLY A 161 -20.37 -4.63 -0.99
CA GLY A 161 -19.49 -4.83 -2.15
C GLY A 161 -18.24 -3.99 -2.31
N ILE A 162 -17.97 -3.04 -1.43
CA ILE A 162 -16.71 -2.33 -1.50
C ILE A 162 -15.69 -3.37 -1.05
N GLN A 163 -14.64 -3.57 -1.84
CA GLN A 163 -13.58 -4.51 -1.50
C GLN A 163 -12.22 -3.84 -1.38
N LEU A 164 -12.11 -2.61 -1.85
CA LEU A 164 -10.85 -1.89 -1.86
C LEU A 164 -11.08 -0.41 -1.55
N VAL A 165 -10.29 0.13 -0.62
CA VAL A 165 -10.36 1.55 -0.30
C VAL A 165 -8.99 2.19 -0.43
N LYS A 166 -8.90 3.19 -1.31
CA LYS A 166 -7.66 3.94 -1.54
C LYS A 166 -7.74 5.27 -0.78
N SER A 167 -6.60 5.81 -0.38
CA SER A 167 -6.60 7.12 0.24
C SER A 167 -6.31 8.16 -0.85
N PHE A 168 -6.68 9.41 -0.59
CA PHE A 168 -6.07 10.54 -1.28
C PHE A 168 -5.83 11.68 -0.30
N TYR A 169 -5.15 12.72 -0.77
CA TYR A 169 -4.62 13.73 0.13
C TYR A 169 -4.01 14.90 -0.66
N ARG A 170 -4.04 16.08 -0.06
CA ARG A 170 -3.31 17.23 -0.60
C ARG A 170 -1.87 17.23 -0.11
N GLY A 188 2.14 13.48 -5.88
CA GLY A 188 3.57 13.47 -6.07
C GLY A 188 3.95 13.57 -7.54
N ARG A 189 5.24 13.77 -7.81
CA ARG A 189 5.75 13.85 -9.17
C ARG A 189 5.51 12.58 -10.02
N VAL A 190 5.79 11.41 -9.46
CA VAL A 190 5.59 10.17 -10.20
C VAL A 190 4.11 9.95 -10.44
N THR A 191 3.31 10.24 -9.42
CA THR A 191 1.87 10.03 -9.49
C THR A 191 1.32 10.91 -10.62
N GLU A 192 1.69 12.18 -10.62
CA GLU A 192 1.09 13.15 -11.53
C GLU A 192 1.72 13.18 -12.92
N LEU A 193 2.98 12.77 -13.05
CA LEU A 193 3.64 12.79 -14.34
C LEU A 193 3.58 11.42 -15.03
N VAL A 194 3.54 10.34 -14.26
CA VAL A 194 3.61 9.00 -14.84
C VAL A 194 2.28 8.23 -14.71
N ALA A 195 1.84 7.96 -13.48
CA ALA A 195 0.73 7.05 -13.28
C ALA A 195 -0.64 7.59 -13.71
N ARG A 196 -0.97 8.81 -13.31
CA ARG A 196 -2.27 9.39 -13.67
C ARG A 196 -2.39 9.63 -15.19
N PRO A 197 -1.35 10.20 -15.82
CA PRO A 197 -1.40 10.36 -17.28
C PRO A 197 -1.43 9.03 -18.06
N LEU A 198 -0.70 8.03 -17.59
CA LEU A 198 -0.77 6.72 -18.21
C LEU A 198 -2.12 6.04 -18.05
N LEU A 199 -2.74 6.22 -16.89
CA LEU A 199 -4.10 5.72 -16.70
C LEU A 199 -5.07 6.41 -17.64
N ALA A 200 -4.90 7.71 -17.84
CA ALA A 200 -5.77 8.47 -18.72
C ALA A 200 -5.64 7.94 -20.13
N ALA A 201 -4.41 7.58 -20.51
CA ALA A 201 -4.13 7.01 -21.81
C ALA A 201 -4.71 5.60 -22.01
N LEU A 202 -4.64 4.75 -20.99
CA LEU A 202 -4.83 3.31 -21.18
C LEU A 202 -5.97 2.71 -20.34
N ARG A 203 -6.37 3.41 -19.28
CA ARG A 203 -7.51 2.99 -18.46
C ARG A 203 -8.24 4.23 -17.97
N PRO A 204 -8.79 5.03 -18.90
CA PRO A 204 -9.34 6.33 -18.53
C PRO A 204 -10.46 6.24 -17.50
N GLU A 205 -11.04 5.06 -17.34
CA GLU A 205 -12.07 4.85 -16.33
C GLU A 205 -11.54 5.09 -14.91
N LEU A 206 -10.22 4.95 -14.73
CA LEU A 206 -9.58 5.16 -13.44
C LEU A 206 -9.04 6.57 -13.30
N GLY A 207 -9.40 7.45 -14.24
CA GLY A 207 -8.96 8.83 -14.19
C GLY A 207 -9.43 9.62 -12.96
N CYS A 208 -10.48 9.14 -12.30
CA CYS A 208 -11.02 9.87 -11.16
C CYS A 208 -10.32 9.53 -9.85
N VAL A 209 -9.38 8.60 -9.90
CA VAL A 209 -8.60 8.21 -8.72
C VAL A 209 -7.47 9.21 -8.52
N LEU A 210 -7.49 9.91 -7.39
CA LEU A 210 -6.55 11.02 -7.18
C LEU A 210 -5.15 10.57 -6.80
N GLN A 211 -5.03 9.46 -6.08
CA GLN A 211 -3.73 8.95 -5.63
C GLN A 211 -3.60 7.44 -5.88
N PRO A 212 -3.52 7.02 -7.15
CA PRO A 212 -3.43 5.59 -7.49
C PRO A 212 -2.24 4.88 -6.87
N LEU A 213 -1.15 5.63 -6.62
CA LEU A 213 0.07 5.06 -6.04
C LEU A 213 0.13 5.14 -4.51
N SER A 214 -0.96 5.58 -3.87
CA SER A 214 -0.97 5.78 -2.42
C SER A 214 -0.63 4.53 -1.62
N GLY A 215 0.30 4.65 -0.69
CA GLY A 215 0.65 3.55 0.20
C GLY A 215 -0.35 3.26 1.31
N GLU A 216 -1.37 4.11 1.47
CA GLU A 216 -2.40 3.89 2.49
C GLU A 216 -3.69 3.39 1.86
N TYR A 217 -4.05 2.16 2.15
CA TYR A 217 -5.28 1.58 1.62
C TYR A 217 -5.68 0.35 2.39
N ALA A 218 -6.93 -0.09 2.20
CA ALA A 218 -7.44 -1.28 2.88
C ALA A 218 -8.21 -2.14 1.90
N ALA A 219 -8.27 -3.44 2.17
CA ALA A 219 -8.97 -4.35 1.26
C ALA A 219 -9.37 -5.62 1.96
N SER A 220 -10.35 -6.33 1.40
CA SER A 220 -10.74 -7.63 1.92
C SER A 220 -9.64 -8.64 1.62
N ARG A 221 -9.44 -9.60 2.53
CA ARG A 221 -8.52 -10.71 2.29
C ARG A 221 -8.90 -11.49 1.03
N GLU A 222 -10.21 -11.65 0.82
CA GLU A 222 -10.69 -12.42 -0.33
C GLU A 222 -10.19 -11.82 -1.63
N LEU A 223 -10.28 -10.50 -1.74
CA LEU A 223 -9.72 -9.79 -2.88
C LEU A 223 -8.20 -9.93 -2.96
N LEU A 224 -7.51 -9.61 -1.87
CA LEU A 224 -6.06 -9.56 -1.88
C LEU A 224 -5.40 -10.90 -2.18
N THR A 225 -5.95 -11.99 -1.63
CA THR A 225 -5.38 -13.31 -1.88
C THR A 225 -5.78 -13.88 -3.25
N SER A 226 -6.63 -13.15 -3.97
CA SER A 226 -7.05 -13.54 -5.32
C SER A 226 -6.29 -12.82 -6.42
N LEU A 227 -5.47 -11.85 -6.04
CA LEU A 227 -4.75 -11.07 -7.02
C LEU A 227 -3.26 -11.34 -6.98
N PRO A 228 -2.62 -11.29 -8.14
CA PRO A 228 -1.15 -11.36 -8.15
C PRO A 228 -0.62 -10.09 -7.52
N PHE A 229 0.65 -10.08 -7.12
CA PHE A 229 1.25 -8.90 -6.55
C PHE A 229 2.46 -8.52 -7.38
N ALA A 230 2.40 -7.31 -7.92
CA ALA A 230 3.50 -6.78 -8.71
C ALA A 230 4.73 -6.58 -7.86
N PRO A 231 5.92 -6.66 -8.49
CA PRO A 231 7.15 -6.54 -7.70
C PRO A 231 7.45 -5.08 -7.43
N GLY A 232 8.26 -4.81 -6.43
CA GLY A 232 8.83 -3.47 -6.28
C GLY A 232 7.76 -2.43 -6.01
N TYR A 233 7.95 -1.25 -6.57
CA TYR A 233 6.95 -0.18 -6.51
C TYR A 233 5.74 -0.32 -7.42
N GLY A 234 5.58 -1.46 -8.07
CA GLY A 234 4.44 -1.63 -8.96
C GLY A 234 3.20 -2.12 -8.24
N VAL A 235 3.35 -2.50 -6.97
CA VAL A 235 2.30 -3.27 -6.31
C VAL A 235 0.97 -2.51 -6.17
N GLU A 236 1.01 -1.23 -5.81
CA GLU A 236 -0.22 -0.47 -5.63
C GLU A 236 -0.98 -0.30 -6.95
N ILE A 237 -0.28 0.12 -7.99
CA ILE A 237 -0.91 0.38 -9.28
C ILE A 237 -1.47 -0.93 -9.83
N GLY A 238 -0.74 -2.02 -9.58
CA GLY A 238 -1.16 -3.35 -10.01
C GLY A 238 -2.43 -3.80 -9.34
N LEU A 239 -2.53 -3.58 -8.04
CA LEU A 239 -3.70 -3.96 -7.27
C LEU A 239 -4.93 -3.17 -7.73
N LEU A 240 -4.72 -1.89 -8.00
CA LEU A 240 -5.79 -1.03 -8.47
C LEU A 240 -6.33 -1.43 -9.84
N ILE A 241 -5.45 -1.63 -10.82
CA ILE A 241 -5.89 -2.04 -12.15
C ILE A 241 -6.53 -3.43 -12.16
N ASP A 242 -5.93 -4.37 -11.44
CA ASP A 242 -6.47 -5.73 -11.34
C ASP A 242 -7.84 -5.72 -10.66
N THR A 243 -7.95 -4.95 -9.59
CA THR A 243 -9.21 -4.80 -8.86
C THR A 243 -10.28 -4.28 -9.79
N PHE A 244 -9.96 -3.20 -10.50
CA PHE A 244 -10.90 -2.58 -11.43
C PHE A 244 -11.32 -3.55 -12.53
N ASP A 245 -10.33 -4.21 -13.15
CA ASP A 245 -10.61 -5.12 -14.26
C ASP A 245 -11.51 -6.28 -13.83
N ARG A 246 -11.32 -6.75 -12.60
CA ARG A 246 -12.07 -7.90 -12.10
C ARG A 246 -13.44 -7.56 -11.48
N LEU A 247 -13.56 -6.42 -10.80
CA LEU A 247 -14.80 -6.08 -10.08
C LEU A 247 -15.44 -4.76 -10.52
N GLY A 248 -14.71 -3.98 -11.32
CA GLY A 248 -15.14 -2.66 -11.73
C GLY A 248 -15.10 -1.62 -10.61
N LEU A 249 -15.45 -0.39 -10.94
CA LEU A 249 -15.33 0.75 -10.02
C LEU A 249 -16.17 0.61 -8.76
N ASP A 250 -17.30 -0.10 -8.84
CA ASP A 250 -18.25 -0.13 -7.74
C ASP A 250 -17.67 -0.87 -6.53
N ALA A 251 -16.58 -1.58 -6.73
CA ALA A 251 -15.92 -2.32 -5.66
C ALA A 251 -14.82 -1.47 -5.03
N ILE A 252 -14.63 -0.26 -5.58
CA ILE A 252 -13.54 0.61 -5.16
C ILE A 252 -14.10 1.90 -4.57
N ALA A 253 -13.52 2.32 -3.45
CA ALA A 253 -13.81 3.62 -2.87
C ALA A 253 -12.51 4.37 -2.66
N GLN A 254 -12.60 5.67 -2.43
CA GLN A 254 -11.43 6.44 -2.02
C GLN A 254 -11.86 7.42 -0.93
N VAL A 255 -11.00 7.58 0.07
CA VAL A 255 -11.27 8.42 1.23
C VAL A 255 -10.22 9.50 1.46
N ASN A 256 -10.70 10.70 1.79
CA ASN A 256 -9.83 11.82 2.12
C ASN A 256 -9.16 11.65 3.49
N LEU A 257 -7.83 11.71 3.48
N LEU A 257 -7.83 11.72 3.48
CA LEU A 257 -7.05 11.65 4.71
CA LEU A 257 -7.03 11.61 4.69
C LEU A 257 -6.45 13.03 5.01
C LEU A 257 -6.54 13.00 5.13
N GLY A 258 -6.76 14.00 4.16
N GLY A 258 -7.01 14.03 4.43
CA GLY A 258 -6.32 15.36 4.36
CA GLY A 258 -6.69 15.40 4.76
C GLY A 258 -4.97 15.65 3.72
C GLY A 258 -5.40 15.91 4.13
N VAL A 259 -3.96 15.86 4.55
N VAL A 259 -4.30 15.99 4.89
CA VAL A 259 -2.63 16.22 4.09
CA VAL A 259 -3.07 16.48 4.30
C VAL A 259 -1.59 15.27 4.67
C VAL A 259 -1.91 15.51 4.46
N ARG A 260 -0.81 14.64 3.78
N ARG A 260 -1.12 15.48 3.39
CA ARG A 260 0.17 13.63 4.17
CA ARG A 260 0.11 14.72 3.24
C ARG A 260 1.56 14.25 4.29
C ARG A 260 1.17 15.61 2.61
N ALA A 261 2.42 13.56 5.04
N ALA A 261 2.44 15.45 2.97
CA ALA A 261 3.79 14.02 5.28
CA ALA A 261 3.47 16.26 2.33
C ALA A 261 4.77 12.86 5.30
C ALA A 261 4.45 15.29 1.69
N HIS A 262 5.45 12.66 4.17
N HIS A 262 4.95 15.74 0.54
CA HIS A 262 6.46 11.60 4.03
CA HIS A 262 5.99 15.05 -0.22
C HIS A 262 7.84 12.20 3.81
C HIS A 262 7.24 14.58 0.51
N ARG A 263 8.80 11.34 3.47
N ARG A 263 7.42 13.27 0.47
CA ARG A 263 10.17 11.77 3.21
CA ARG A 263 8.62 12.62 0.94
C ARG A 263 10.48 11.72 1.72
C ARG A 263 9.73 13.28 0.13
N ASN A 264 10.51 12.88 1.09
N ASN A 264 10.85 13.61 0.75
CA ASN A 264 10.77 12.97 -0.35
CA ASN A 264 12.02 13.98 -0.04
C ASN A 264 12.11 12.34 -0.74
C ASN A 264 12.94 12.81 -0.32
N ARG A 265 12.12 11.66 -1.87
N ARG A 265 12.94 12.42 -1.59
CA ARG A 265 13.30 10.90 -2.32
CA ARG A 265 13.76 11.31 -2.07
C ARG A 265 14.01 11.59 -3.48
C ARG A 265 14.43 11.81 -3.34
N PRO A 266 15.24 11.16 -3.79
N PRO A 266 15.61 11.25 -3.69
CA PRO A 266 16.02 11.72 -4.90
CA PRO A 266 16.28 11.63 -4.94
C PRO A 266 15.48 11.32 -6.27
C PRO A 266 15.64 11.23 -6.28
N LEU A 267 15.95 12.00 -7.32
CA LEU A 267 15.37 11.85 -8.65
C LEU A 267 15.59 10.45 -9.22
N ASP A 268 16.76 9.88 -8.92
CA ASP A 268 17.16 8.60 -9.50
C ASP A 268 16.29 7.47 -8.96
N GLU A 269 15.94 7.54 -7.68
CA GLU A 269 15.04 6.57 -7.11
C GLU A 269 13.66 6.72 -7.74
N LEU A 270 13.29 7.95 -8.07
CA LEU A 270 12.03 8.18 -8.76
C LEU A 270 12.08 7.61 -10.17
N GLY A 271 13.28 7.57 -10.76
CA GLY A 271 13.43 7.09 -12.12
C GLY A 271 13.15 5.61 -12.18
N ALA A 272 13.74 4.88 -11.23
CA ALA A 272 13.58 3.44 -11.13
C ALA A 272 12.15 3.09 -10.76
N MET A 273 11.55 3.94 -9.94
CA MET A 273 10.21 3.72 -9.45
C MET A 273 9.23 3.86 -10.60
N SER A 274 9.40 4.93 -11.37
CA SER A 274 8.56 5.16 -12.54
C SER A 274 8.65 4.01 -13.55
N ARG A 275 9.86 3.56 -13.81
CA ARG A 275 10.11 2.41 -14.69
C ARG A 275 9.33 1.17 -14.28
N GLN A 276 9.28 0.88 -12.99
CA GLN A 276 8.59 -0.31 -12.51
C GLN A 276 7.09 -0.13 -12.55
N VAL A 277 6.64 1.10 -12.29
CA VAL A 277 5.22 1.41 -12.35
C VAL A 277 4.75 1.23 -13.79
N ILE A 278 5.55 1.74 -14.72
CA ILE A 278 5.29 1.60 -16.14
C ILE A 278 5.22 0.14 -16.58
N ALA A 279 6.21 -0.64 -16.15
CA ALA A 279 6.28 -2.06 -16.51
C ALA A 279 5.05 -2.80 -16.04
N THR A 280 4.60 -2.49 -14.83
CA THR A 280 3.45 -3.15 -14.24
C THR A 280 2.19 -2.69 -14.96
N LEU A 281 2.11 -1.40 -15.29
CA LEU A 281 0.93 -0.85 -15.94
C LEU A 281 0.76 -1.37 -17.37
N LEU A 282 1.85 -1.40 -18.14
CA LEU A 282 1.82 -1.92 -19.50
C LEU A 282 1.38 -3.39 -19.52
N SER A 283 1.90 -4.18 -18.59
CA SER A 283 1.57 -5.60 -18.53
C SER A 283 0.08 -5.83 -18.27
N ARG A 284 -0.49 -5.07 -17.35
CA ARG A 284 -1.91 -5.21 -17.04
C ARG A 284 -2.76 -4.80 -18.23
N CYS A 285 -2.22 -3.91 -19.06
CA CYS A 285 -2.94 -3.45 -20.24
C CYS A 285 -2.60 -4.28 -21.48
N GLY A 286 -1.93 -5.41 -21.29
CA GLY A 286 -1.64 -6.31 -22.38
C GLY A 286 -0.53 -5.85 -23.32
N ILE A 287 0.35 -4.97 -22.86
CA ILE A 287 1.42 -4.43 -23.70
C ILE A 287 2.78 -4.97 -23.27
N PRO A 288 3.56 -5.51 -24.22
CA PRO A 288 4.85 -6.12 -23.86
C PRO A 288 5.94 -5.11 -23.47
N ASP A 289 6.57 -5.36 -22.33
CA ASP A 289 7.61 -4.48 -21.81
C ASP A 289 8.94 -5.15 -22.13
N SER A 290 9.95 -4.35 -22.48
CA SER A 290 11.26 -4.88 -22.87
C SER A 290 11.96 -5.66 -21.76
N GLY A 291 11.60 -5.38 -20.52
CA GLY A 291 12.34 -5.89 -19.38
C GLY A 291 13.67 -5.18 -19.18
N VAL A 292 13.97 -4.19 -20.00
CA VAL A 292 15.22 -3.45 -19.86
C VAL A 292 15.12 -2.31 -18.85
N GLY A 293 16.04 -2.33 -17.89
CA GLY A 293 16.11 -1.32 -16.86
C GLY A 293 16.45 0.07 -17.37
N LEU A 294 16.00 1.08 -16.63
CA LEU A 294 16.31 2.46 -16.94
C LEU A 294 17.80 2.64 -16.71
N THR A 295 18.51 3.27 -17.66
CA THR A 295 19.88 3.65 -17.39
C THR A 295 19.97 5.16 -17.19
N GLN A 296 20.85 5.56 -16.28
CA GLN A 296 21.06 6.97 -15.97
C GLN A 296 22.54 7.30 -16.11
N PHE A 297 22.85 8.50 -16.57
CA PHE A 297 24.24 8.92 -16.73
C PHE A 297 24.68 10.02 -15.77
N LEU A 298 25.54 9.64 -14.83
CA LEU A 298 25.98 10.55 -13.76
C LEU A 298 27.32 11.14 -14.21
N TYR A 307 27.53 11.15 -15.52
CA TYR A 307 28.86 11.21 -16.17
C TYR A 307 29.45 9.79 -16.21
N THR A 308 28.97 8.97 -15.30
CA THR A 308 29.17 7.52 -15.25
C THR A 308 27.79 6.91 -15.50
N ARG A 309 27.73 5.67 -15.96
CA ARG A 309 26.44 5.09 -16.30
C ARG A 309 26.10 3.99 -15.30
N HIS A 310 24.80 3.92 -14.98
CA HIS A 310 24.25 2.91 -14.09
C HIS A 310 22.86 2.47 -14.55
N THR A 311 22.62 1.16 -14.49
CA THR A 311 21.34 0.59 -14.87
C THR A 311 20.64 0.05 -13.63
N TRP A 312 19.39 0.47 -13.44
CA TRP A 312 18.59 0.03 -12.30
C TRP A 312 17.75 -1.18 -12.67
N PRO A 313 17.51 -2.08 -11.70
CA PRO A 313 16.71 -3.27 -11.98
C PRO A 313 15.24 -2.97 -12.18
N VAL A 314 14.62 -3.71 -13.11
CA VAL A 314 13.17 -3.75 -13.25
C VAL A 314 12.77 -5.21 -13.31
N SER A 315 11.56 -5.51 -12.86
CA SER A 315 11.11 -6.89 -12.79
C SER A 315 9.78 -7.00 -13.51
N LEU A 316 9.66 -8.03 -14.34
CA LEU A 316 8.41 -8.33 -15.03
C LEU A 316 7.73 -9.53 -14.39
N VAL A 317 8.16 -9.90 -13.19
CA VAL A 317 7.60 -11.06 -12.51
C VAL A 317 6.74 -10.72 -11.31
N ASP A 318 5.45 -11.04 -11.43
CA ASP A 318 4.50 -10.87 -10.34
C ASP A 318 4.60 -12.07 -9.41
N ARG A 319 4.21 -11.89 -8.14
CA ARG A 319 3.87 -13.00 -7.29
C ARG A 319 2.44 -13.45 -7.59
N PRO A 320 2.18 -14.76 -7.54
CA PRO A 320 0.82 -15.24 -7.84
C PRO A 320 -0.12 -14.95 -6.69
N PRO A 321 -1.44 -15.05 -6.91
CA PRO A 321 -2.42 -14.98 -5.83
C PRO A 321 -2.02 -15.85 -4.65
N MET A 322 -2.05 -15.30 -3.45
CA MET A 322 -1.57 -15.99 -2.26
C MET A 322 -2.38 -17.25 -2.01
N LYS A 323 -3.62 -17.23 -2.49
CA LYS A 323 -4.46 -18.43 -2.51
C LYS A 323 -3.78 -19.72 -2.96
N VAL A 324 -2.94 -19.67 -4.00
CA VAL A 324 -2.28 -20.91 -4.46
C VAL A 324 -1.36 -21.50 -3.41
N MET A 325 -0.99 -20.70 -2.41
CA MET A 325 -0.05 -21.16 -1.40
C MET A 325 -0.80 -21.89 -0.29
N ARG A 326 -2.13 -21.96 -0.43
CA ARG A 326 -2.97 -22.58 0.59
C ARG A 326 -2.73 -24.09 0.65
N1 UDP B . 9.19 -0.72 1.94
C2 UDP B . 9.45 -1.97 2.26
N3 UDP B . 10.24 -2.74 1.51
C4 UDP B . 10.81 -2.25 0.41
C5 UDP B . 10.59 -0.92 0.03
C6 UDP B . 9.73 -0.15 0.85
O2 UDP B . 8.93 -2.46 3.25
O4 UDP B . 11.66 -3.08 -0.37
C1' UDP B . 8.39 0.02 2.70
C2' UDP B . 9.13 1.30 3.23
O2' UDP B . 9.76 1.03 4.56
C3' UDP B . 8.30 2.21 3.29
C4' UDP B . 7.10 1.81 2.26
O4' UDP B . 7.34 0.63 1.82
O3' UDP B . 7.73 2.34 4.66
C5' UDP B . 7.09 2.79 1.12
O5' UDP B . 8.38 2.79 0.57
PA UDP B . 9.02 4.18 0.14
O1A UDP B . 10.29 3.93 -0.63
O2A UDP B . 8.02 4.90 -0.72
O3A UDP B . 9.36 5.04 1.47
PB UDP B . 10.82 5.65 1.80
O1B UDP B . 10.86 6.05 3.26
O2B UDP B . 11.08 6.89 0.94
O3B UDP B . 11.88 4.62 1.53
#